data_2W0X
#
_entry.id   2W0X
#
_cell.length_a   86.471
_cell.length_b   86.471
_cell.length_c   147.237
_cell.angle_alpha   90.00
_cell.angle_beta   90.00
_cell.angle_gamma   90.00
#
_symmetry.space_group_name_H-M   'P 41 21 2'
#
loop_
_entity.id
_entity.type
_entity.pdbx_description
1 polymer 'HYPOXIA-INDUCIBLE FACTOR 1 ALPHA INHIBITOR'
2 non-polymer 'FE (II) ION'
3 non-polymer 'PYRIDINE-2,4-DICARBOXYLIC ACID'
4 non-polymer 'SULFATE ION'
5 non-polymer GLYCEROL
6 water water
#
_entity_poly.entity_id   1
_entity_poly.type   'polypeptide(L)'
_entity_poly.pdbx_seq_one_letter_code
;MAATAAEAVASGSGEPREEAGALGPAWDESQLRSYSFPTRPIPRLSQSDPRAEELIENEEPVVLTDTNLVYPALKWDLEY
LQENIGNGDFSVYSASTHKFLYYDEKKMANFQNFKPRSNREEMKFHEFVEKLQDIQQRGGEERLYLQQTLNDTVGRKIVM
DFLGFNWNWINKQQGKRGWGQLTSNLLLIGMEGNVTPAHYDEQQNFFAQIKGYKRCILFPPDQFECLYPYPVHHPCDRQS
QVDFDNPDYERFPNFQNVVGYETVVGPGDVLYIPMYWWHHIESLLNGGITITVNFWYKGAPTPKRIEYPLKAHQKVAIMR
NIEKMLGEALGNPQEVGPLLNTMIKGRYN
;
_entity_poly.pdbx_strand_id   A
#
loop_
_chem_comp.id
_chem_comp.type
_chem_comp.name
_chem_comp.formula
FE2 non-polymer 'FE (II) ION' 'Fe 2'
GOL non-polymer GLYCEROL 'C3 H8 O3'
PD2 non-polymer 'PYRIDINE-2,4-DICARBOXYLIC ACID' 'C7 H5 N O4'
SO4 non-polymer 'SULFATE ION' 'O4 S -2'
#
# COMPACT_ATOMS: atom_id res chain seq x y z
N ALA A 8 -26.63 1.32 2.16
CA ALA A 8 -26.76 0.34 3.24
C ALA A 8 -25.63 -0.68 3.21
N VAL A 9 -25.45 -1.32 2.05
CA VAL A 9 -24.34 -2.26 1.84
C VAL A 9 -23.01 -1.51 1.71
N ALA A 10 -23.09 -0.25 1.26
CA ALA A 10 -21.93 0.64 1.27
C ALA A 10 -21.72 1.25 2.64
N SER A 11 -21.46 0.40 3.64
CA SER A 11 -21.31 0.88 5.01
C SER A 11 -19.86 1.26 5.37
N GLY A 12 -18.98 1.28 4.37
CA GLY A 12 -17.59 1.65 4.58
C GLY A 12 -16.87 0.81 5.63
N SER A 13 -16.19 1.46 6.56
CA SER A 13 -15.44 0.74 7.60
C SER A 13 -16.33 0.29 8.76
N GLY A 14 -17.62 0.61 8.67
CA GLY A 14 -18.59 0.12 9.63
C GLY A 14 -18.56 0.85 10.96
N GLU A 15 -19.30 0.34 11.94
CA GLU A 15 -19.30 0.90 13.28
C GLU A 15 -17.92 0.71 13.93
N PRO A 16 -17.30 1.81 14.39
CA PRO A 16 -15.98 1.75 15.03
C PRO A 16 -15.93 0.73 16.17
N ARG A 17 -14.88 -0.06 16.23
CA ARG A 17 -14.78 -1.10 17.25
C ARG A 17 -14.56 -0.50 18.66
N GLU A 18 -15.02 -1.22 19.68
CA GLU A 18 -14.76 -0.83 21.06
C GLU A 18 -13.49 -1.55 21.54
N GLU A 19 -12.55 -0.81 22.11
CA GLU A 19 -11.36 -1.44 22.67
C GLU A 19 -11.69 -2.17 23.98
N ALA A 20 -10.92 -3.21 24.26
CA ALA A 20 -11.16 -4.04 25.43
C ALA A 20 -11.06 -3.24 26.73
N GLY A 21 -11.92 -3.60 27.69
CA GLY A 21 -11.87 -2.98 29.01
C GLY A 21 -12.40 -1.55 29.02
N ALA A 22 -13.30 -1.26 28.08
CA ALA A 22 -14.00 0.02 28.03
C ALA A 22 -13.07 1.22 27.88
N LEU A 23 -11.98 1.05 27.14
CA LEU A 23 -11.07 2.16 26.93
C LEU A 23 -11.56 3.12 25.84
N GLY A 24 -12.71 2.80 25.28
CA GLY A 24 -13.40 3.71 24.37
C GLY A 24 -13.38 3.24 22.93
N PRO A 25 -14.04 4.00 22.04
CA PRO A 25 -14.07 3.60 20.64
C PRO A 25 -12.66 3.69 20.08
N ALA A 26 -12.26 2.69 19.31
CA ALA A 26 -10.95 2.69 18.70
C ALA A 26 -10.71 4.02 17.98
N TRP A 27 -11.72 4.49 17.26
CA TRP A 27 -11.62 5.73 16.49
C TRP A 27 -13.03 6.21 16.15
N ASP A 28 -13.13 7.40 15.53
CA ASP A 28 -14.45 7.91 15.18
C ASP A 28 -14.50 8.45 13.76
N GLU A 29 -15.70 8.48 13.18
CA GLU A 29 -15.89 8.90 11.79
C GLU A 29 -15.08 10.13 11.37
N SER A 30 -14.95 11.10 12.26
CA SER A 30 -14.33 12.37 11.92
C SER A 30 -12.83 12.28 11.65
N GLN A 31 -12.24 11.12 11.89
CA GLN A 31 -10.81 10.94 11.63
C GLN A 31 -10.58 10.45 10.20
N LEU A 32 -11.68 10.11 9.52
CA LEU A 32 -11.66 9.63 8.14
C LEU A 32 -11.80 10.78 7.15
N ARG A 33 -10.98 10.77 6.10
CA ARG A 33 -11.10 11.76 5.04
C ARG A 33 -12.36 11.50 4.21
N SER A 34 -12.80 12.52 3.47
CA SER A 34 -14.05 12.42 2.71
C SER A 34 -13.80 12.25 1.22
N TYR A 35 -14.34 11.17 0.65
CA TYR A 35 -14.12 10.86 -0.77
C TYR A 35 -15.43 10.72 -1.54
N SER A 36 -15.32 10.63 -2.87
CA SER A 36 -16.49 10.80 -3.73
C SER A 36 -17.15 9.50 -4.16
N PHE A 37 -16.63 8.37 -3.68
CA PHE A 37 -17.11 7.09 -4.14
C PHE A 37 -17.62 6.30 -2.94
N PRO A 38 -18.45 5.27 -3.21
CA PRO A 38 -18.97 4.37 -2.19
C PRO A 38 -17.99 3.25 -1.87
N THR A 39 -18.14 2.64 -0.71
CA THR A 39 -17.30 1.52 -0.31
C THR A 39 -18.05 0.51 0.55
N ARG A 40 -17.74 -0.77 0.33
CA ARG A 40 -18.22 -1.88 1.14
C ARG A 40 -17.11 -2.31 2.07
N PRO A 41 -17.45 -2.92 3.21
CA PRO A 41 -16.44 -3.32 4.20
C PRO A 41 -15.70 -4.58 3.79
N ILE A 42 -14.41 -4.61 4.07
CA ILE A 42 -13.64 -5.83 3.93
C ILE A 42 -13.99 -6.74 5.10
N PRO A 43 -14.14 -8.06 4.86
CA PRO A 43 -14.46 -8.92 5.99
C PRO A 43 -13.33 -8.95 7.05
N ARG A 44 -13.70 -8.85 8.34
CA ARG A 44 -12.78 -9.04 9.48
C ARG A 44 -13.06 -10.42 10.08
N LEU A 45 -12.09 -11.30 9.98
CA LEU A 45 -12.30 -12.70 10.32
C LEU A 45 -11.17 -13.27 11.16
N SER A 46 -11.40 -14.46 11.69
CA SER A 46 -10.38 -15.18 12.42
C SER A 46 -9.62 -16.02 11.43
N GLN A 47 -8.32 -16.08 11.67
CA GLN A 47 -7.40 -16.90 10.90
C GLN A 47 -7.89 -18.34 10.84
N SER A 48 -8.72 -18.76 11.79
CA SER A 48 -9.24 -20.14 11.81
C SER A 48 -10.51 -20.27 10.99
N ASP A 49 -11.14 -19.14 10.69
CA ASP A 49 -12.34 -19.11 9.87
C ASP A 49 -12.06 -19.62 8.45
N PRO A 50 -12.73 -20.71 8.05
CA PRO A 50 -12.49 -21.26 6.70
C PRO A 50 -12.89 -20.25 5.62
N ARG A 51 -13.63 -19.22 6.01
CA ARG A 51 -14.01 -18.18 5.06
C ARG A 51 -12.79 -17.34 4.72
N ALA A 52 -11.88 -17.21 5.68
CA ALA A 52 -10.69 -16.39 5.46
C ALA A 52 -9.77 -17.12 4.49
N GLU A 53 -9.64 -18.43 4.68
CA GLU A 53 -8.85 -19.25 3.78
C GLU A 53 -9.44 -19.18 2.38
N GLU A 54 -10.77 -19.11 2.30
CA GLU A 54 -11.48 -18.99 1.03
C GLU A 54 -11.12 -17.72 0.30
N LEU A 55 -11.22 -16.59 1.00
CA LEU A 55 -10.90 -15.28 0.43
C LEU A 55 -9.46 -15.20 -0.05
N ILE A 56 -8.53 -15.74 0.72
CA ILE A 56 -7.12 -15.66 0.36
C ILE A 56 -6.84 -16.51 -0.87
N GLU A 57 -7.38 -17.72 -0.87
CA GLU A 57 -7.21 -18.64 -1.99
C GLU A 57 -7.77 -18.01 -3.27
N ASN A 58 -8.81 -17.20 -3.11
CA ASN A 58 -9.49 -16.56 -4.23
C ASN A 58 -8.94 -15.18 -4.51
N GLU A 59 -7.83 -14.85 -3.86
CA GLU A 59 -7.22 -13.54 -4.03
C GLU A 59 -8.23 -12.43 -3.87
N GLU A 60 -8.96 -12.48 -2.76
CA GLU A 60 -9.75 -11.34 -2.33
C GLU A 60 -9.27 -10.91 -0.94
N PRO A 61 -9.34 -9.61 -0.67
CA PRO A 61 -8.81 -9.09 0.59
C PRO A 61 -9.61 -9.58 1.79
N VAL A 62 -8.94 -9.65 2.94
CA VAL A 62 -9.57 -10.05 4.20
C VAL A 62 -8.69 -9.52 5.31
N VAL A 63 -9.30 -8.99 6.36
CA VAL A 63 -8.59 -8.62 7.57
C VAL A 63 -8.60 -9.77 8.58
N LEU A 64 -7.41 -10.25 8.95
CA LEU A 64 -7.26 -11.31 9.95
C LEU A 64 -6.99 -10.71 11.31
N THR A 65 -7.81 -11.06 12.29
CA THR A 65 -7.79 -10.38 13.57
C THR A 65 -6.85 -11.01 14.58
N ASP A 66 -6.51 -12.27 14.39
CA ASP A 66 -5.79 -13.02 15.42
C ASP A 66 -4.69 -13.94 14.87
N THR A 67 -3.82 -13.43 14.01
CA THR A 67 -2.72 -14.25 13.50
C THR A 67 -1.50 -14.25 14.43
N ASN A 68 -1.33 -13.19 15.23
CA ASN A 68 -0.13 -13.02 16.04
C ASN A 68 1.11 -12.91 15.15
N LEU A 69 0.87 -12.55 13.89
CA LEU A 69 1.93 -12.41 12.90
C LEU A 69 3.11 -11.61 13.43
N VAL A 70 2.82 -10.45 14.01
CA VAL A 70 3.88 -9.60 14.53
C VAL A 70 3.67 -9.31 16.03
N TYR A 71 3.23 -10.32 16.77
CA TYR A 71 2.95 -10.14 18.20
C TYR A 71 4.10 -9.40 18.90
N PRO A 72 5.35 -9.83 18.64
CA PRO A 72 6.49 -9.24 19.37
C PRO A 72 6.70 -7.77 19.06
N ALA A 73 6.16 -7.29 17.93
CA ALA A 73 6.38 -5.90 17.56
C ALA A 73 5.33 -4.94 18.14
N LEU A 74 4.29 -5.49 18.74
CA LEU A 74 3.22 -4.62 19.22
C LEU A 74 3.72 -3.66 20.30
N LYS A 75 4.87 -3.96 20.90
CA LYS A 75 5.49 -3.09 21.91
C LYS A 75 6.27 -1.92 21.30
N TRP A 76 6.50 -1.98 20.00
CA TRP A 76 7.28 -0.94 19.32
C TRP A 76 6.66 0.45 19.45
N ASP A 77 7.44 1.37 19.97
CA ASP A 77 7.16 2.80 19.83
C ASP A 77 8.46 3.46 19.38
N LEU A 78 8.48 4.77 19.24
CA LEU A 78 9.68 5.46 18.79
C LEU A 78 10.85 5.24 19.75
N GLU A 79 10.59 5.43 21.05
CA GLU A 79 11.61 5.24 22.06
C GLU A 79 12.28 3.86 21.92
N TYR A 80 11.47 2.81 21.96
CA TYR A 80 11.99 1.44 21.86
C TYR A 80 12.78 1.20 20.60
N LEU A 81 12.32 1.77 19.49
CA LEU A 81 12.98 1.53 18.20
C LEU A 81 14.32 2.27 18.07
N GLN A 82 14.32 3.56 18.43
CA GLN A 82 15.55 4.34 18.44
C GLN A 82 16.61 3.64 19.29
N GLU A 83 16.16 2.97 20.36
CA GLU A 83 17.06 2.27 21.26
C GLU A 83 17.63 0.99 20.65
N ASN A 84 16.87 0.31 19.79
CA ASN A 84 17.25 -1.04 19.38
C ASN A 84 17.41 -1.32 17.89
N ILE A 85 17.09 -0.34 17.03
CA ILE A 85 16.98 -0.65 15.60
C ILE A 85 18.32 -0.56 14.86
N GLY A 86 19.36 -0.16 15.57
CA GLY A 86 20.66 0.04 14.95
C GLY A 86 20.80 1.46 14.44
N ASN A 87 21.86 1.72 13.68
CA ASN A 87 22.08 3.04 13.11
C ASN A 87 22.47 2.94 11.64
N GLY A 88 21.86 1.98 10.96
CA GLY A 88 21.90 1.96 9.50
C GLY A 88 21.09 3.15 9.02
N ASP A 89 21.02 3.33 7.70
CA ASP A 89 20.30 4.47 7.13
C ASP A 89 18.81 4.17 6.94
N PHE A 90 17.98 5.17 7.19
CA PHE A 90 16.53 5.05 6.99
C PHE A 90 16.02 6.09 6.01
N SER A 91 15.41 5.62 4.92
CA SER A 91 14.78 6.52 3.95
C SER A 91 13.61 7.24 4.61
N VAL A 92 13.63 8.57 4.56
CA VAL A 92 12.54 9.38 5.11
C VAL A 92 12.08 10.42 4.11
N TYR A 93 10.80 10.37 3.77
CA TYR A 93 10.24 11.27 2.77
C TYR A 93 9.59 12.46 3.44
N SER A 94 9.77 13.63 2.85
CA SER A 94 9.17 14.85 3.37
C SER A 94 8.24 15.44 2.34
N ALA A 95 7.14 16.05 2.79
CA ALA A 95 6.19 16.67 1.87
C ALA A 95 5.42 17.82 2.50
N SER A 96 5.20 18.87 1.71
CA SER A 96 4.44 20.03 2.18
C SER A 96 2.95 19.76 2.04
N THR A 97 2.60 18.51 1.75
CA THR A 97 1.21 18.10 1.57
C THR A 97 0.98 16.81 2.33
N HIS A 98 -0.29 16.46 2.56
CA HIS A 98 -0.59 15.19 3.23
C HIS A 98 -0.37 13.96 2.32
N LYS A 99 -0.32 14.20 1.02
CA LYS A 99 -0.16 13.12 0.06
C LYS A 99 1.29 12.76 -0.20
N PHE A 100 1.61 11.49 -0.01
CA PHE A 100 2.93 10.94 -0.33
C PHE A 100 2.88 10.01 -1.54
N LEU A 101 2.76 10.62 -2.71
CA LEU A 101 2.74 9.87 -3.96
C LEU A 101 4.06 9.13 -4.14
N TYR A 102 3.99 7.81 -4.31
CA TYR A 102 5.19 7.03 -4.62
C TYR A 102 5.73 7.33 -6.02
N TYR A 103 7.05 7.48 -6.13
CA TYR A 103 7.70 7.58 -7.43
C TYR A 103 8.93 6.68 -7.50
N ASP A 104 9.20 6.18 -8.71
CA ASP A 104 10.30 5.24 -8.91
C ASP A 104 11.46 5.97 -9.55
N GLU A 105 12.53 6.14 -8.77
CA GLU A 105 13.64 7.00 -9.17
C GLU A 105 14.40 6.48 -10.40
N LYS A 106 14.37 5.16 -10.60
CA LYS A 106 15.04 4.57 -11.75
C LYS A 106 14.36 4.95 -13.06
N LYS A 107 13.13 5.50 -12.96
CA LYS A 107 12.37 5.87 -14.15
C LYS A 107 12.36 7.38 -14.35
N MET A 108 12.97 8.11 -13.41
CA MET A 108 13.01 9.57 -13.52
C MET A 108 13.88 10.02 -14.69
N ALA A 109 14.95 9.26 -14.94
CA ALA A 109 15.89 9.57 -16.01
C ALA A 109 15.18 9.85 -17.33
N ASN A 110 14.04 9.21 -17.56
CA ASN A 110 13.39 9.35 -18.86
C ASN A 110 12.04 10.09 -18.88
N PHE A 111 11.78 10.82 -17.80
CA PHE A 111 10.76 11.86 -17.77
C PHE A 111 11.35 13.08 -17.05
N GLN A 112 12.28 13.78 -17.72
CA GLN A 112 12.99 14.92 -17.12
C GLN A 112 12.01 15.96 -16.54
N ASN A 113 10.81 16.01 -17.11
CA ASN A 113 9.82 17.00 -16.70
C ASN A 113 9.07 16.65 -15.42
N PHE A 114 9.45 15.55 -14.79
CA PHE A 114 8.80 15.13 -13.55
C PHE A 114 9.53 15.66 -12.33
N LYS A 115 8.79 16.37 -11.48
CA LYS A 115 9.33 16.93 -10.26
C LYS A 115 8.57 16.38 -9.06
N PRO A 116 9.23 15.52 -8.27
CA PRO A 116 8.64 14.87 -7.10
C PRO A 116 8.05 15.88 -6.09
N ARG A 117 6.89 15.57 -5.53
CA ARG A 117 6.30 16.40 -4.47
C ARG A 117 7.04 16.18 -3.16
N SER A 118 7.33 14.92 -2.87
CA SER A 118 8.04 14.55 -1.66
C SER A 118 9.50 14.25 -1.98
N ASN A 119 10.39 14.54 -1.01
CA ASN A 119 11.82 14.32 -1.20
C ASN A 119 12.35 13.26 -0.25
N ARG A 120 13.24 12.41 -0.75
CA ARG A 120 13.84 11.39 0.07
C ARG A 120 15.17 11.84 0.67
N GLU A 121 15.34 11.59 1.97
CA GLU A 121 16.61 11.83 2.64
C GLU A 121 16.95 10.65 3.53
N GLU A 122 18.16 10.12 3.39
CA GLU A 122 18.64 9.07 4.27
C GLU A 122 19.03 9.66 5.61
N MET A 123 18.75 8.94 6.69
CA MET A 123 19.13 9.40 8.01
C MET A 123 19.13 8.27 9.03
N LYS A 124 19.72 8.54 10.20
CA LYS A 124 19.76 7.57 11.28
C LYS A 124 18.46 7.68 12.07
N PHE A 125 18.05 6.57 12.68
CA PHE A 125 16.75 6.57 13.34
C PHE A 125 16.58 7.74 14.30
N HIS A 126 17.59 7.98 15.14
CA HIS A 126 17.52 9.04 16.14
C HIS A 126 17.27 10.40 15.49
N GLU A 127 17.80 10.59 14.29
CA GLU A 127 17.62 11.84 13.56
C GLU A 127 16.17 11.99 13.14
N PHE A 128 15.57 10.88 12.70
CA PHE A 128 14.15 10.85 12.35
C PHE A 128 13.30 11.25 13.55
N VAL A 129 13.58 10.64 14.69
CA VAL A 129 12.84 10.93 15.92
C VAL A 129 12.97 12.40 16.28
N GLU A 130 14.15 12.95 16.05
CA GLU A 130 14.42 14.36 16.37
C GLU A 130 13.59 15.28 15.48
N LYS A 131 13.60 15.01 14.17
CA LYS A 131 12.83 15.82 13.22
C LYS A 131 11.36 15.89 13.60
N LEU A 132 10.80 14.74 14.00
CA LEU A 132 9.40 14.69 14.42
C LEU A 132 9.15 15.60 15.62
N GLN A 133 9.91 15.37 16.69
CA GLN A 133 9.81 16.18 17.90
C GLN A 133 9.95 17.63 17.51
N ASP A 134 10.97 17.91 16.70
CA ASP A 134 11.24 19.26 16.22
C ASP A 134 10.02 19.90 15.55
N ILE A 135 9.39 19.15 14.64
CA ILE A 135 8.22 19.67 13.92
C ILE A 135 7.03 19.87 14.84
N GLN A 136 6.82 18.94 15.75
CA GLN A 136 5.68 18.99 16.65
C GLN A 136 5.75 20.19 17.58
N GLN A 137 6.92 20.41 18.16
CA GLN A 137 7.08 21.47 19.15
C GLN A 137 7.08 22.84 18.50
N ARG A 138 7.31 22.91 17.20
CA ARG A 138 7.29 24.19 16.51
C ARG A 138 6.03 24.38 15.66
N GLY A 139 5.07 23.47 15.82
CA GLY A 139 3.79 23.55 15.14
C GLY A 139 3.85 23.48 13.62
N GLY A 140 4.99 23.05 13.09
CA GLY A 140 5.19 22.99 11.64
C GLY A 140 4.11 22.24 10.89
N GLU A 141 4.05 22.47 9.58
CA GLU A 141 3.08 21.80 8.72
C GLU A 141 3.74 20.72 7.86
N GLU A 142 5.07 20.70 7.88
CA GLU A 142 5.83 19.67 7.20
C GLU A 142 5.35 18.30 7.65
N ARG A 143 5.51 17.30 6.79
CA ARG A 143 5.12 15.94 7.15
C ARG A 143 6.24 14.98 6.79
N LEU A 144 6.40 13.92 7.58
CA LEU A 144 7.41 12.93 7.33
C LEU A 144 6.80 11.55 7.25
N TYR A 145 7.42 10.68 6.46
CA TYR A 145 6.96 9.30 6.36
C TYR A 145 8.21 8.47 6.20
N LEU A 146 8.56 7.71 7.24
CA LEU A 146 9.66 6.79 7.12
C LEU A 146 9.17 5.53 6.41
N GLN A 147 9.92 5.11 5.40
CA GLN A 147 9.60 3.92 4.64
C GLN A 147 10.91 3.26 4.30
N GLN A 148 11.27 2.25 5.08
CA GLN A 148 12.57 1.63 5.00
C GLN A 148 12.49 0.12 5.10
N THR A 149 13.09 -0.58 4.15
CA THR A 149 13.12 -2.03 4.18
C THR A 149 13.99 -2.49 5.37
N LEU A 150 13.59 -3.59 5.99
CA LEU A 150 14.25 -4.11 7.18
C LEU A 150 15.47 -4.95 6.84
N ASN A 151 16.65 -4.40 7.07
CA ASN A 151 17.90 -5.02 6.63
C ASN A 151 18.77 -5.54 7.78
N ASP A 152 20.07 -5.61 7.52
CA ASP A 152 21.03 -6.23 8.45
C ASP A 152 21.41 -5.36 9.64
N THR A 153 21.41 -4.05 9.45
CA THR A 153 21.90 -3.15 10.49
C THR A 153 20.98 -2.99 11.70
N VAL A 154 19.98 -3.85 11.84
CA VAL A 154 19.06 -3.73 12.99
C VAL A 154 19.62 -4.40 14.23
N GLY A 155 19.42 -3.76 15.38
CA GLY A 155 19.93 -4.25 16.65
C GLY A 155 19.41 -5.62 17.05
N ARG A 156 19.96 -6.16 18.13
CA ARG A 156 19.70 -7.54 18.51
C ARG A 156 18.28 -7.74 19.06
N LYS A 157 17.76 -6.71 19.72
CA LYS A 157 16.41 -6.80 20.30
C LYS A 157 15.38 -6.82 19.18
N ILE A 158 15.59 -5.96 18.18
CA ILE A 158 14.71 -5.92 17.02
C ILE A 158 14.77 -7.23 16.28
N VAL A 159 15.96 -7.83 16.22
CA VAL A 159 16.10 -9.14 15.58
C VAL A 159 15.37 -10.21 16.40
N MET A 160 15.40 -10.08 17.73
CA MET A 160 14.65 -10.97 18.62
C MET A 160 13.16 -10.95 18.30
N ASP A 161 12.60 -9.75 18.29
CA ASP A 161 11.21 -9.55 17.91
C ASP A 161 10.92 -10.23 16.58
N PHE A 162 11.77 -9.94 15.60
CA PHE A 162 11.61 -10.48 14.26
C PHE A 162 11.47 -11.99 14.27
N LEU A 163 12.29 -12.64 15.07
CA LEU A 163 12.25 -14.10 15.21
C LEU A 163 10.95 -14.56 15.87
N GLY A 164 10.39 -13.72 16.75
CA GLY A 164 9.13 -14.01 17.38
C GLY A 164 7.92 -13.95 16.45
N PHE A 165 8.11 -13.50 15.21
CA PHE A 165 7.01 -13.35 14.28
C PHE A 165 6.40 -14.72 14.02
N ASN A 166 5.12 -14.74 13.63
CA ASN A 166 4.45 -16.03 13.39
C ASN A 166 4.76 -16.62 12.02
N TRP A 167 6.02 -17.05 11.87
CA TRP A 167 6.52 -17.61 10.63
C TRP A 167 5.82 -18.90 10.30
N ASN A 168 5.44 -19.64 11.33
CA ASN A 168 4.70 -20.86 11.11
C ASN A 168 3.44 -20.59 10.29
N TRP A 169 2.72 -19.54 10.65
CA TRP A 169 1.45 -19.25 10.00
C TRP A 169 1.66 -18.76 8.56
N ILE A 170 2.56 -17.80 8.39
CA ILE A 170 2.75 -17.16 7.11
C ILE A 170 3.46 -18.09 6.12
N ASN A 171 4.44 -18.85 6.59
CA ASN A 171 5.12 -19.82 5.72
C ASN A 171 4.15 -20.84 5.17
N LYS A 172 3.10 -21.13 5.93
CA LYS A 172 2.08 -22.05 5.46
C LYS A 172 1.21 -21.37 4.41
N GLN A 173 1.00 -20.07 4.56
CA GLN A 173 0.24 -19.32 3.58
C GLN A 173 1.03 -19.29 2.27
N GLN A 174 2.28 -18.84 2.36
CA GLN A 174 3.18 -18.86 1.23
C GLN A 174 3.10 -20.22 0.53
N GLY A 175 3.17 -21.30 1.31
CA GLY A 175 3.10 -22.65 0.77
C GLY A 175 1.78 -22.99 0.09
N LYS A 176 0.68 -22.81 0.81
CA LYS A 176 -0.65 -23.11 0.26
C LYS A 176 -0.95 -22.36 -1.04
N ARG A 177 -0.45 -21.13 -1.16
CA ARG A 177 -0.75 -20.31 -2.33
C ARG A 177 0.29 -20.45 -3.44
N GLY A 178 1.31 -21.27 -3.20
CA GLY A 178 2.35 -21.49 -4.19
C GLY A 178 3.20 -20.27 -4.48
N TRP A 179 3.07 -19.25 -3.64
CA TRP A 179 3.79 -18.00 -3.85
C TRP A 179 5.29 -18.21 -3.88
N GLY A 180 6.01 -17.26 -4.47
CA GLY A 180 7.45 -17.28 -4.47
C GLY A 180 8.01 -16.82 -3.14
N GLN A 181 9.27 -16.40 -3.14
CA GLN A 181 9.98 -16.09 -1.90
C GLN A 181 9.51 -14.79 -1.26
N LEU A 182 9.76 -14.65 0.03
CA LEU A 182 9.59 -13.38 0.71
C LEU A 182 10.58 -12.39 0.12
N THR A 183 10.09 -11.34 -0.51
CA THR A 183 11.01 -10.41 -1.15
C THR A 183 11.48 -9.35 -0.17
N SER A 184 10.64 -8.99 0.80
CA SER A 184 11.03 -7.93 1.73
C SER A 184 10.00 -7.66 2.82
N ASN A 185 10.42 -6.90 3.82
CA ASN A 185 9.56 -6.38 4.88
C ASN A 185 9.81 -4.91 4.96
N LEU A 186 8.78 -4.11 4.74
CA LEU A 186 8.95 -2.68 4.79
C LEU A 186 8.44 -2.19 6.13
N LEU A 187 9.18 -1.27 6.75
CA LEU A 187 8.76 -0.66 7.99
C LEU A 187 8.24 0.73 7.66
N LEU A 188 7.01 1.00 8.05
CA LEU A 188 6.36 2.24 7.70
C LEU A 188 6.00 2.98 8.98
N ILE A 189 6.48 4.21 9.10
CA ILE A 189 6.16 5.01 10.27
C ILE A 189 5.76 6.37 9.78
N GLY A 190 4.50 6.72 10.02
CA GLY A 190 3.92 7.91 9.44
C GLY A 190 3.24 8.77 10.48
N MET A 191 3.09 10.04 10.13
CA MET A 191 2.41 10.97 10.99
C MET A 191 0.91 10.87 10.72
N GLU A 192 0.12 11.11 11.75
CA GLU A 192 -1.32 11.16 11.61
C GLU A 192 -1.67 11.98 10.38
N GLY A 193 -2.73 11.60 9.68
CA GLY A 193 -3.16 12.31 8.49
C GLY A 193 -2.41 12.01 7.21
N ASN A 194 -1.27 11.32 7.32
CA ASN A 194 -0.50 10.95 6.14
C ASN A 194 -1.30 10.05 5.19
N VAL A 195 -1.13 10.27 3.89
CA VAL A 195 -1.85 9.49 2.88
C VAL A 195 -0.90 8.99 1.80
N THR A 196 -1.00 7.71 1.45
CA THR A 196 -0.33 7.19 0.28
C THR A 196 -1.38 7.01 -0.81
N PRO A 197 -1.33 7.84 -1.86
CA PRO A 197 -2.34 7.84 -2.92
C PRO A 197 -2.46 6.46 -3.56
N ALA A 198 -3.65 6.14 -4.06
CA ALA A 198 -3.99 4.83 -4.57
C ALA A 198 -2.98 4.28 -5.58
N HIS A 199 -2.63 3.00 -5.42
CA HIS A 199 -1.72 2.36 -6.36
C HIS A 199 -1.84 0.86 -6.29
N TYR A 200 -1.14 0.16 -7.17
CA TYR A 200 -1.08 -1.29 -7.05
C TYR A 200 0.36 -1.82 -7.07
N ASP A 201 0.55 -3.02 -6.51
CA ASP A 201 1.88 -3.64 -6.45
C ASP A 201 1.81 -4.99 -7.11
N GLU A 202 2.90 -5.38 -7.75
CA GLU A 202 3.00 -6.72 -8.34
C GLU A 202 3.60 -7.71 -7.32
N GLN A 203 3.16 -7.61 -6.06
CA GLN A 203 3.55 -8.54 -5.01
C GLN A 203 2.30 -8.92 -4.21
N GLN A 204 2.29 -10.13 -3.63
CA GLN A 204 1.26 -10.51 -2.68
C GLN A 204 1.65 -9.91 -1.34
N ASN A 205 0.69 -9.41 -0.58
CA ASN A 205 1.06 -8.61 0.58
C ASN A 205 0.24 -8.94 1.84
N PHE A 206 0.93 -9.37 2.88
CA PHE A 206 0.33 -9.38 4.23
C PHE A 206 0.83 -8.15 4.94
N PHE A 207 -0.12 -7.29 5.28
CA PHE A 207 0.14 -5.93 5.75
C PHE A 207 -0.21 -5.91 7.23
N ALA A 208 0.83 -5.95 8.09
CA ALA A 208 0.65 -6.12 9.53
C ALA A 208 0.65 -4.81 10.31
N GLN A 209 -0.50 -4.47 10.90
CA GLN A 209 -0.62 -3.20 11.61
C GLN A 209 -0.10 -3.33 13.05
N ILE A 210 0.59 -2.30 13.54
CA ILE A 210 1.38 -2.44 14.77
C ILE A 210 1.03 -1.38 15.78
N LYS A 211 1.20 -0.12 15.39
CA LYS A 211 0.79 0.99 16.24
C LYS A 211 -0.15 1.89 15.46
N GLY A 212 -1.16 2.41 16.14
CA GLY A 212 -2.09 3.33 15.50
C GLY A 212 -3.07 2.65 14.55
N TYR A 213 -3.84 3.48 13.87
CA TYR A 213 -4.91 2.99 13.00
C TYR A 213 -4.74 3.52 11.58
N LYS A 214 -4.91 2.64 10.60
CA LYS A 214 -4.86 3.03 9.20
C LYS A 214 -6.16 2.65 8.51
N ARG A 215 -6.70 3.58 7.72
CA ARG A 215 -7.85 3.30 6.87
C ARG A 215 -7.36 2.83 5.50
N CYS A 216 -7.73 1.62 5.12
CA CYS A 216 -7.29 1.06 3.85
C CYS A 216 -8.46 0.92 2.88
N ILE A 217 -8.38 1.60 1.74
CA ILE A 217 -9.39 1.46 0.67
C ILE A 217 -8.82 0.73 -0.55
N LEU A 218 -9.36 -0.45 -0.86
CA LEU A 218 -8.91 -1.25 -1.97
C LEU A 218 -9.91 -1.26 -3.15
N PHE A 219 -9.40 -1.44 -4.37
CA PHE A 219 -10.22 -1.63 -5.55
C PHE A 219 -9.73 -2.86 -6.31
N PRO A 220 -10.65 -3.72 -6.72
CA PRO A 220 -10.26 -4.90 -7.50
C PRO A 220 -9.54 -4.48 -8.80
N PRO A 221 -8.71 -5.38 -9.33
CA PRO A 221 -7.95 -5.15 -10.56
C PRO A 221 -8.87 -4.78 -11.74
N ASP A 222 -10.12 -5.21 -11.70
CA ASP A 222 -11.07 -4.92 -12.76
C ASP A 222 -11.58 -3.48 -12.78
N GLN A 223 -11.07 -2.66 -11.85
CA GLN A 223 -11.35 -1.23 -11.89
C GLN A 223 -10.21 -0.46 -12.53
N PHE A 224 -9.33 -1.15 -13.23
CA PHE A 224 -8.25 -0.48 -13.98
C PHE A 224 -8.82 0.73 -14.77
N GLU A 225 -9.95 0.50 -15.43
CA GLU A 225 -10.61 1.50 -16.28
C GLU A 225 -11.04 2.76 -15.55
N CYS A 226 -11.31 2.67 -14.24
CA CYS A 226 -11.76 3.83 -13.48
C CYS A 226 -10.65 4.59 -12.77
N LEU A 227 -9.44 4.03 -12.80
CA LEU A 227 -8.39 4.55 -11.92
C LEU A 227 -7.17 5.15 -12.63
N TYR A 228 -7.05 4.91 -13.93
CA TYR A 228 -6.12 5.66 -14.77
C TYR A 228 -4.66 5.73 -14.28
N PRO A 229 -4.00 4.57 -14.19
CA PRO A 229 -2.57 4.52 -13.85
C PRO A 229 -1.74 5.36 -14.83
N TYR A 230 -0.65 5.94 -14.34
CA TYR A 230 0.36 6.59 -15.18
C TYR A 230 0.89 5.57 -16.20
N PRO A 231 1.53 6.06 -17.28
CA PRO A 231 2.25 5.17 -18.19
C PRO A 231 3.29 4.32 -17.45
N VAL A 232 3.48 3.08 -17.91
CA VAL A 232 4.43 2.17 -17.30
C VAL A 232 5.84 2.70 -17.17
N HIS A 233 6.28 3.53 -18.12
CA HIS A 233 7.63 4.08 -18.10
C HIS A 233 7.75 5.33 -17.22
N HIS A 234 6.62 5.87 -16.79
CA HIS A 234 6.64 7.03 -15.89
C HIS A 234 7.09 6.63 -14.48
N PRO A 235 7.70 7.56 -13.74
CA PRO A 235 8.10 7.30 -12.35
C PRO A 235 6.92 6.88 -11.47
N CYS A 236 5.72 7.33 -11.80
CA CYS A 236 4.55 6.97 -11.02
C CYS A 236 3.76 5.81 -11.62
N ASP A 237 4.44 4.99 -12.40
CA ASP A 237 3.92 3.69 -12.82
C ASP A 237 3.16 3.04 -11.66
N ARG A 238 1.98 2.49 -11.95
CA ARG A 238 1.15 1.80 -10.95
C ARG A 238 0.36 2.71 -10.01
N GLN A 239 0.67 4.00 -10.00
CA GLN A 239 -0.09 4.95 -9.18
C GLN A 239 -1.28 5.50 -9.99
N SER A 240 -2.40 5.78 -9.34
CA SER A 240 -3.54 6.36 -10.04
C SER A 240 -3.23 7.81 -10.35
N GLN A 241 -3.59 8.26 -11.54
CA GLN A 241 -3.46 9.68 -11.88
C GLN A 241 -4.51 10.56 -11.20
N VAL A 242 -5.58 9.94 -10.72
CA VAL A 242 -6.70 10.72 -10.20
C VAL A 242 -6.38 11.29 -8.82
N ASP A 243 -6.56 12.58 -8.66
CA ASP A 243 -6.47 13.21 -7.34
C ASP A 243 -7.79 12.97 -6.59
N PHE A 244 -7.78 11.99 -5.69
CA PHE A 244 -8.95 11.61 -4.88
C PHE A 244 -9.58 12.78 -4.11
N ASP A 245 -8.81 13.83 -3.88
CA ASP A 245 -9.30 15.00 -3.16
C ASP A 245 -9.99 16.01 -4.10
N ASN A 246 -9.63 15.98 -5.38
CA ASN A 246 -10.25 16.86 -6.38
C ASN A 246 -10.25 16.17 -7.73
N PRO A 247 -11.17 15.22 -7.91
CA PRO A 247 -11.14 14.33 -9.06
C PRO A 247 -11.50 15.08 -10.34
N ASP A 248 -10.69 14.93 -11.38
CA ASP A 248 -10.95 15.58 -12.66
C ASP A 248 -11.78 14.67 -13.57
N TYR A 249 -13.10 14.82 -13.48
CA TYR A 249 -14.02 13.97 -14.24
C TYR A 249 -14.00 14.21 -15.73
N GLU A 250 -13.37 15.30 -16.16
CA GLU A 250 -13.16 15.50 -17.60
C GLU A 250 -12.07 14.60 -18.11
N ARG A 251 -10.94 14.59 -17.40
CA ARG A 251 -9.85 13.72 -17.84
C ARG A 251 -10.12 12.25 -17.52
N PHE A 252 -10.83 12.02 -16.41
CA PHE A 252 -10.96 10.67 -15.85
C PHE A 252 -12.41 10.28 -15.63
N PRO A 253 -13.20 10.28 -16.71
CA PRO A 253 -14.66 10.16 -16.55
C PRO A 253 -15.07 8.95 -15.73
N ASN A 254 -14.42 7.81 -15.93
CA ASN A 254 -14.86 6.60 -15.27
C ASN A 254 -14.58 6.51 -13.77
N PHE A 255 -13.90 7.51 -13.22
CA PHE A 255 -13.70 7.52 -11.78
C PHE A 255 -15.05 7.74 -11.09
N GLN A 256 -16.06 8.12 -11.87
CA GLN A 256 -17.41 8.33 -11.36
C GLN A 256 -18.09 7.00 -11.11
N ASN A 257 -17.53 5.95 -11.69
CA ASN A 257 -18.05 4.60 -11.50
C ASN A 257 -17.28 3.74 -10.48
N VAL A 258 -16.26 4.32 -9.86
CA VAL A 258 -15.34 3.55 -9.03
C VAL A 258 -16.01 3.12 -7.72
N VAL A 259 -15.85 1.85 -7.36
CA VAL A 259 -16.36 1.36 -6.07
C VAL A 259 -15.29 0.62 -5.25
N GLY A 260 -15.06 1.08 -4.02
CA GLY A 260 -14.04 0.50 -3.15
C GLY A 260 -14.46 -0.49 -2.06
N TYR A 261 -13.47 -1.14 -1.48
CA TYR A 261 -13.63 -1.99 -0.30
C TYR A 261 -12.76 -1.36 0.75
N GLU A 262 -13.27 -1.18 1.96
CA GLU A 262 -12.48 -0.48 2.95
C GLU A 262 -12.55 -1.09 4.35
N THR A 263 -11.66 -0.61 5.20
CA THR A 263 -11.54 -1.16 6.53
C THR A 263 -10.55 -0.32 7.32
N VAL A 264 -10.69 -0.33 8.63
CA VAL A 264 -9.70 0.34 9.47
C VAL A 264 -8.95 -0.74 10.23
N VAL A 265 -7.63 -0.73 10.12
CA VAL A 265 -6.82 -1.73 10.82
C VAL A 265 -6.12 -1.12 12.00
N GLY A 266 -5.97 -1.92 13.06
CA GLY A 266 -5.28 -1.47 14.26
C GLY A 266 -4.28 -2.50 14.75
N PRO A 267 -3.58 -2.17 15.85
CA PRO A 267 -2.58 -3.09 16.41
C PRO A 267 -3.05 -4.54 16.41
N GLY A 268 -2.34 -5.42 15.71
CA GLY A 268 -2.73 -6.82 15.69
C GLY A 268 -3.47 -7.32 14.45
N ASP A 269 -4.09 -6.41 13.71
CA ASP A 269 -4.75 -6.80 12.46
C ASP A 269 -3.72 -7.02 11.35
N VAL A 270 -3.94 -8.04 10.54
CA VAL A 270 -3.19 -8.21 9.32
C VAL A 270 -4.19 -8.12 8.12
N LEU A 271 -3.91 -7.25 7.16
CA LEU A 271 -4.74 -7.14 5.94
C LEU A 271 -4.03 -7.82 4.77
N TYR A 272 -4.68 -8.82 4.20
CA TYR A 272 -4.22 -9.39 2.95
C TYR A 272 -4.61 -8.45 1.81
N ILE A 273 -3.61 -7.91 1.14
CA ILE A 273 -3.78 -7.09 -0.06
C ILE A 273 -3.31 -7.91 -1.24
N PRO A 274 -4.25 -8.53 -1.98
CA PRO A 274 -3.85 -9.42 -3.09
C PRO A 274 -3.11 -8.65 -4.17
N MET A 275 -2.24 -9.35 -4.90
CA MET A 275 -1.42 -8.75 -5.94
C MET A 275 -2.34 -8.11 -6.96
N TYR A 276 -1.95 -6.91 -7.43
CA TYR A 276 -2.72 -6.15 -8.43
C TYR A 276 -3.92 -5.38 -7.88
N TRP A 277 -4.33 -5.68 -6.65
CA TRP A 277 -5.41 -4.88 -6.06
C TRP A 277 -4.90 -3.50 -5.74
N TRP A 278 -5.64 -2.50 -6.23
CA TRP A 278 -5.37 -1.10 -5.89
C TRP A 278 -5.56 -0.94 -4.40
N HIS A 279 -4.73 -0.10 -3.79
CA HIS A 279 -4.96 0.27 -2.40
C HIS A 279 -4.58 1.70 -2.15
N HIS A 280 -5.41 2.35 -1.33
CA HIS A 280 -5.24 3.71 -0.88
C HIS A 280 -5.12 3.57 0.63
N ILE A 281 -4.03 4.07 1.20
CA ILE A 281 -3.79 3.89 2.64
C ILE A 281 -3.57 5.24 3.34
N GLU A 282 -4.31 5.49 4.41
CA GLU A 282 -4.19 6.75 5.13
C GLU A 282 -4.17 6.53 6.64
N SER A 283 -3.33 7.30 7.33
CA SER A 283 -3.24 7.26 8.79
C SER A 283 -4.28 8.21 9.38
N LEU A 284 -5.17 7.70 10.21
CA LEU A 284 -6.31 8.49 10.68
C LEU A 284 -5.89 9.88 11.13
N LEU A 285 -6.73 10.86 10.86
CA LEU A 285 -6.52 12.21 11.34
C LEU A 285 -6.52 12.21 12.85
N ASN A 286 -5.57 12.95 13.43
CA ASN A 286 -5.49 13.13 14.87
C ASN A 286 -5.43 11.82 15.64
N GLY A 287 -4.75 10.82 15.07
CA GLY A 287 -4.66 9.50 15.65
C GLY A 287 -3.26 9.18 16.11
N GLY A 288 -2.35 10.14 15.94
CA GLY A 288 -0.96 9.94 16.29
C GLY A 288 -0.20 9.17 15.24
N ILE A 289 1.05 8.82 15.54
CA ILE A 289 1.87 8.12 14.57
C ILE A 289 1.35 6.71 14.32
N THR A 290 1.74 6.16 13.18
CA THR A 290 1.35 4.79 12.82
C THR A 290 2.60 4.00 12.53
N ILE A 291 2.51 2.70 12.77
CA ILE A 291 3.60 1.82 12.47
C ILE A 291 3.01 0.59 11.84
N THR A 292 3.65 0.13 10.77
CA THR A 292 3.19 -1.03 10.04
C THR A 292 4.42 -1.73 9.53
N VAL A 293 4.32 -3.03 9.38
CA VAL A 293 5.34 -3.79 8.71
C VAL A 293 4.61 -4.63 7.68
N ASN A 294 5.07 -4.60 6.43
CA ASN A 294 4.46 -5.46 5.41
C ASN A 294 5.32 -6.66 5.11
N PHE A 295 4.72 -7.62 4.44
CA PHE A 295 5.41 -8.84 4.04
C PHE A 295 5.10 -9.01 2.56
N TRP A 296 6.07 -8.74 1.71
CA TRP A 296 5.88 -8.84 0.26
C TRP A 296 6.44 -10.15 -0.31
N TYR A 297 5.57 -10.91 -0.99
CA TYR A 297 5.95 -12.15 -1.64
C TYR A 297 5.77 -12.09 -3.15
N LYS A 298 6.76 -12.56 -3.91
CA LYS A 298 6.56 -12.78 -5.34
C LYS A 298 5.30 -13.61 -5.51
N GLY A 299 4.52 -13.34 -6.54
CA GLY A 299 3.32 -14.11 -6.78
C GLY A 299 3.61 -15.50 -7.29
N ALA A 300 2.59 -16.34 -7.36
CA ALA A 300 2.74 -17.69 -7.91
C ALA A 300 3.13 -17.62 -9.39
N PRO A 301 3.71 -18.71 -9.91
CA PRO A 301 4.06 -18.77 -11.34
C PRO A 301 2.81 -18.83 -12.22
N THR A 302 2.94 -18.47 -13.49
CA THR A 302 1.81 -18.54 -14.42
C THR A 302 1.53 -19.99 -14.84
N PRO A 303 0.30 -20.46 -14.59
CA PRO A 303 -0.15 -21.87 -14.67
C PRO A 303 0.24 -22.56 -15.96
N LYS A 304 0.24 -23.90 -15.95
CA LYS A 304 0.58 -24.72 -17.12
C LYS A 304 0.70 -23.84 -18.36
N ARG A 305 -0.42 -23.64 -19.03
CA ARG A 305 -0.58 -22.55 -19.99
C ARG A 305 -1.93 -21.87 -19.77
N ILE A 306 -2.23 -20.86 -20.58
CA ILE A 306 -3.37 -19.99 -20.35
C ILE A 306 -4.71 -20.71 -20.28
N GLU A 307 -5.56 -20.23 -19.37
CA GLU A 307 -6.90 -20.76 -19.22
C GLU A 307 -7.87 -19.60 -19.35
N TYR A 308 -8.83 -19.72 -20.28
CA TYR A 308 -9.80 -18.66 -20.47
C TYR A 308 -11.08 -18.99 -19.71
N PRO A 309 -11.81 -17.96 -19.26
CA PRO A 309 -11.47 -16.56 -19.55
C PRO A 309 -10.37 -16.03 -18.63
N LEU A 310 -9.60 -15.08 -19.15
CA LEU A 310 -8.55 -14.42 -18.37
C LEU A 310 -9.16 -13.69 -17.19
N LYS A 311 -8.43 -13.64 -16.07
CA LYS A 311 -8.80 -12.78 -14.96
C LYS A 311 -8.38 -11.34 -15.24
N ALA A 312 -8.93 -10.39 -14.50
CA ALA A 312 -8.60 -8.99 -14.72
C ALA A 312 -7.10 -8.77 -14.62
N HIS A 313 -6.47 -9.38 -13.62
CA HIS A 313 -5.06 -9.08 -13.37
C HIS A 313 -4.18 -9.57 -14.53
N GLN A 314 -4.62 -10.61 -15.21
CA GLN A 314 -3.88 -11.08 -16.38
C GLN A 314 -3.97 -10.08 -17.54
N LYS A 315 -5.09 -9.36 -17.62
CA LYS A 315 -5.26 -8.34 -18.65
C LYS A 315 -4.40 -7.14 -18.33
N VAL A 316 -4.30 -6.79 -17.05
CA VAL A 316 -3.42 -5.72 -16.64
C VAL A 316 -1.97 -6.09 -17.02
N ALA A 317 -1.58 -7.33 -16.73
CA ALA A 317 -0.24 -7.81 -17.09
C ALA A 317 0.02 -7.68 -18.58
N ILE A 318 -0.98 -8.04 -19.39
CA ILE A 318 -0.84 -7.94 -20.84
C ILE A 318 -0.64 -6.49 -21.29
N MET A 319 -1.40 -5.57 -20.70
CA MET A 319 -1.25 -4.16 -21.04
C MET A 319 0.15 -3.67 -20.65
N ARG A 320 0.57 -4.00 -19.44
CA ARG A 320 1.92 -3.64 -18.99
C ARG A 320 2.97 -4.14 -20.00
N ASN A 321 2.86 -5.38 -20.43
CA ASN A 321 3.87 -5.93 -21.31
CA ASN A 321 3.87 -5.93 -21.33
C ASN A 321 3.83 -5.21 -22.67
N ILE A 322 2.63 -4.96 -23.19
CA ILE A 322 2.52 -4.20 -24.44
C ILE A 322 3.29 -2.90 -24.35
N GLU A 323 3.04 -2.14 -23.28
CA GLU A 323 3.71 -0.85 -23.06
C GLU A 323 5.21 -0.97 -22.95
N LYS A 324 5.69 -2.00 -22.25
CA LYS A 324 7.12 -2.21 -22.09
C LYS A 324 7.79 -2.53 -23.43
N MET A 325 7.23 -3.49 -24.15
CA MET A 325 7.81 -3.93 -25.42
C MET A 325 7.81 -2.82 -26.47
N LEU A 326 6.77 -2.01 -26.46
CA LEU A 326 6.69 -0.90 -27.40
C LEU A 326 7.77 0.12 -27.10
N GLY A 327 8.01 0.39 -25.81
CA GLY A 327 9.04 1.32 -25.43
C GLY A 327 10.38 0.86 -25.95
N GLU A 328 10.61 -0.45 -25.88
CA GLU A 328 11.88 -1.05 -26.29
C GLU A 328 12.02 -1.06 -27.81
N ALA A 329 10.95 -1.45 -28.50
CA ALA A 329 10.95 -1.46 -29.96
C ALA A 329 11.17 -0.07 -30.54
N LEU A 330 10.43 0.91 -30.06
CA LEU A 330 10.54 2.28 -30.56
C LEU A 330 11.86 2.91 -30.19
N GLY A 331 12.54 2.31 -29.22
CA GLY A 331 13.80 2.84 -28.73
C GLY A 331 13.66 4.06 -27.84
N ASN A 332 12.43 4.42 -27.51
CA ASN A 332 12.18 5.60 -26.67
C ASN A 332 10.80 5.56 -26.04
N PRO A 333 10.73 5.56 -24.70
CA PRO A 333 9.44 5.43 -24.03
C PRO A 333 8.50 6.59 -24.35
N GLN A 334 9.04 7.71 -24.80
CA GLN A 334 8.24 8.89 -25.07
C GLN A 334 7.37 8.73 -26.32
N GLU A 335 7.77 7.84 -27.21
CA GLU A 335 7.04 7.62 -28.45
C GLU A 335 5.88 6.63 -28.32
N VAL A 336 5.75 6.04 -27.13
CA VAL A 336 4.74 5.02 -26.89
C VAL A 336 3.32 5.56 -27.11
N GLY A 337 3.01 6.69 -26.50
CA GLY A 337 1.68 7.26 -26.61
C GLY A 337 1.26 7.58 -28.05
N PRO A 338 2.07 8.38 -28.75
CA PRO A 338 1.75 8.69 -30.15
C PRO A 338 1.50 7.43 -31.00
N LEU A 339 2.31 6.40 -30.82
CA LEU A 339 2.12 5.19 -31.63
C LEU A 339 0.80 4.49 -31.28
N LEU A 340 0.51 4.40 -29.97
CA LEU A 340 -0.74 3.75 -29.55
C LEU A 340 -1.96 4.48 -30.10
N ASN A 341 -1.95 5.81 -30.01
CA ASN A 341 -3.00 6.63 -30.63
C ASN A 341 -3.19 6.38 -32.14
N THR A 342 -2.10 6.50 -32.88
CA THR A 342 -2.10 6.18 -34.30
C THR A 342 -2.76 4.81 -34.55
N MET A 343 -2.43 3.86 -33.69
CA MET A 343 -2.96 2.50 -33.82
C MET A 343 -4.47 2.42 -33.64
N ILE A 344 -5.02 3.19 -32.69
CA ILE A 344 -6.45 3.03 -32.40
C ILE A 344 -7.38 4.06 -33.05
N LYS A 345 -6.91 5.28 -33.27
CA LYS A 345 -7.78 6.35 -33.78
C LYS A 345 -8.42 6.00 -35.12
N GLY A 346 -9.74 5.96 -35.14
CA GLY A 346 -10.45 5.66 -36.35
C GLY A 346 -10.37 4.18 -36.72
N ARG A 347 -9.81 3.37 -35.84
CA ARG A 347 -9.62 1.94 -36.09
C ARG A 347 -10.27 1.04 -35.04
N TYR A 348 -10.06 1.37 -33.76
CA TYR A 348 -10.61 0.57 -32.66
C TYR A 348 -11.46 1.39 -31.69
N ASN A 349 -11.47 2.71 -31.84
CA ASN A 349 -12.27 3.53 -30.94
C ASN A 349 -13.58 3.99 -31.56
FE FE2 B . 1.58 -0.74 -1.85
O42 PD2 C . 1.35 3.83 3.70
C41 PD2 C . 1.45 2.43 3.72
O41 PD2 C . 1.06 1.74 4.88
C4 PD2 C . 1.49 1.73 2.37
C5 PD2 C . 1.15 2.42 1.31
C6 PD2 C . 1.20 1.77 -0.08
C3 PD2 C . 1.90 0.29 2.24
C2 PD2 C . 1.93 -0.24 1.02
N1 PD2 C . 1.56 0.55 -0.18
C21 PD2 C . 2.24 -1.70 0.84
O21 PD2 C . 1.93 -2.30 -0.38
O22 PD2 C . 2.59 -2.46 1.95
S SO4 D . 6.89 24.01 8.85
O1 SO4 D . 6.91 22.59 9.20
O2 SO4 D . 7.70 24.25 7.66
O3 SO4 D . 5.52 24.44 8.60
O4 SO4 D . 7.43 24.76 9.98
S SO4 E . -4.23 15.70 10.92
O1 SO4 E . -4.04 15.38 9.50
O2 SO4 E . -3.42 16.88 11.24
O3 SO4 E . -5.66 15.98 11.16
O4 SO4 E . -3.82 14.56 11.76
S SO4 F . 9.09 -2.30 -13.59
O1 SO4 F . 8.11 -3.08 -12.83
O2 SO4 F . 9.73 -1.33 -12.70
O3 SO4 F . 10.11 -3.19 -14.15
O4 SO4 F . 8.42 -1.63 -14.72
C1 GOL G . 4.79 2.54 -1.95
O1 GOL G . 4.89 3.81 -1.32
C2 GOL G . 4.91 1.43 -0.91
O2 GOL G . 6.11 1.59 -0.17
C3 GOL G . 4.93 0.09 -1.62
O3 GOL G . 3.75 -0.11 -2.37
#